data_3JTF
#
_entry.id   3JTF
#
_cell.length_a   84.85
_cell.length_b   84.85
_cell.length_c   38.03
_cell.angle_alpha   90.000
_cell.angle_beta   90.000
_cell.angle_gamma   90.000
#
_symmetry.space_group_name_H-M   'P 43'
#
loop_
_entity.id
_entity.type
_entity.pdbx_description
1 polymer 'Magnesium and cobalt efflux protein'
2 non-polymer 'ADENOSINE MONOPHOSPHATE'
3 non-polymer 'SULFATE ION'
4 water water
#
_entity_poly.entity_id   1
_entity_poly.type   'polypeptide(L)'
_entity_poly.pdbx_seq_one_letter_code
;SNAERTVADI(MSE)VPRSR(MSE)DLLDISQPLPQLLATIIETAHSRFPVYEDDRDNIIGILLAKDLLRY(MSE)LEPA
LDIRSLVRPAVFIPEVKRLNVLLREFRASRNHLAIVIDEHGGISGLVT(MSE)EDVLEQIVGDIE
;
_entity_poly.pdbx_strand_id   A,B
#
# COMPACT_ATOMS: atom_id res chain seq x y z
N GLU A 4 -13.21 -20.40 16.61
CA GLU A 4 -11.98 -19.70 16.15
C GLU A 4 -12.38 -18.70 15.05
N ARG A 5 -11.65 -17.58 14.97
CA ARG A 5 -12.08 -16.41 14.20
C ARG A 5 -12.13 -16.60 12.68
N THR A 6 -13.08 -15.92 12.05
CA THR A 6 -13.23 -15.96 10.61
C THR A 6 -13.06 -14.59 9.97
N VAL A 7 -12.97 -14.57 8.65
CA VAL A 7 -12.86 -13.34 7.88
C VAL A 7 -13.98 -12.36 8.23
N ALA A 8 -15.18 -12.88 8.47
CA ALA A 8 -16.33 -12.01 8.78
C ALA A 8 -16.07 -11.20 10.04
N ASP A 9 -15.30 -11.76 10.96
CA ASP A 9 -14.96 -11.01 12.14
C ASP A 9 -14.15 -9.76 11.88
N ILE A 10 -13.31 -9.74 10.85
CA ILE A 10 -12.31 -8.70 10.70
C ILE A 10 -12.39 -7.93 9.40
N VAL A 12 -13.30 -5.46 6.30
CA VAL A 12 -13.83 -4.14 6.02
C VAL A 12 -15.23 -4.34 5.47
N PRO A 13 -16.24 -3.78 6.12
CA PRO A 13 -17.59 -3.93 5.58
C PRO A 13 -17.78 -3.34 4.18
N ARG A 14 -18.67 -3.94 3.40
CA ARG A 14 -19.12 -3.44 2.10
CA ARG A 14 -19.01 -3.41 2.09
C ARG A 14 -19.28 -1.91 2.11
N SER A 15 -20.01 -1.41 3.11
CA SER A 15 -20.24 0.03 3.24
C SER A 15 -19.00 0.93 3.35
N ARG A 16 -17.88 0.39 3.82
CA ARG A 16 -16.63 1.14 3.95
CA ARG A 16 -16.61 1.10 3.97
C ARG A 16 -15.68 0.88 2.77
N ASP A 18 -13.93 1.34 -0.66
CA ASP A 18 -13.79 2.38 -1.68
C ASP A 18 -13.71 1.67 -3.03
N LEU A 19 -14.81 1.69 -3.77
CA LEU A 19 -14.95 1.05 -5.08
C LEU A 19 -14.80 2.05 -6.23
N LEU A 20 -14.37 1.55 -7.39
CA LEU A 20 -14.25 2.40 -8.57
C LEU A 20 -15.14 1.83 -9.63
N ASP A 21 -15.98 2.69 -10.21
CA ASP A 21 -16.74 2.33 -11.40
C ASP A 21 -15.79 2.49 -12.59
N ILE A 22 -15.50 1.37 -13.26
CA ILE A 22 -14.58 1.38 -14.37
C ILE A 22 -15.07 2.23 -15.58
N SER A 23 -16.37 2.45 -15.69
CA SER A 23 -16.92 3.25 -16.79
C SER A 23 -16.92 4.74 -16.51
N GLN A 24 -16.50 5.14 -15.32
CA GLN A 24 -16.58 6.52 -14.87
C GLN A 24 -15.53 7.37 -15.64
N PRO A 25 -15.87 8.62 -15.99
CA PRO A 25 -14.85 9.46 -16.64
C PRO A 25 -13.54 9.61 -15.86
N LEU A 26 -12.45 9.66 -16.62
CA LEU A 26 -11.12 9.73 -16.07
C LEU A 26 -10.97 10.78 -14.98
N PRO A 27 -11.39 12.02 -15.24
CA PRO A 27 -11.22 13.00 -14.17
C PRO A 27 -11.94 12.66 -12.87
N GLN A 28 -13.07 11.96 -12.95
CA GLN A 28 -13.82 11.55 -11.75
C GLN A 28 -13.08 10.41 -11.02
N LEU A 29 -12.53 9.49 -11.79
CA LEU A 29 -11.71 8.43 -11.21
C LEU A 29 -10.52 8.99 -10.44
N LEU A 30 -9.81 9.92 -11.07
CA LEU A 30 -8.64 10.49 -10.48
C LEU A 30 -8.95 11.15 -9.17
N ALA A 31 -10.01 11.95 -9.15
CA ALA A 31 -10.43 12.66 -7.92
C ALA A 31 -10.60 11.72 -6.73
N THR A 32 -11.29 10.60 -6.96
CA THR A 32 -11.51 9.59 -5.93
C THR A 32 -10.23 8.87 -5.51
N ILE A 33 -9.46 8.39 -6.48
CA ILE A 33 -8.20 7.74 -6.14
C ILE A 33 -7.26 8.64 -5.30
N ILE A 34 -7.22 9.94 -5.58
CA ILE A 34 -6.27 10.83 -4.93
C ILE A 34 -6.67 11.17 -3.50
N GLU A 35 -7.97 11.38 -3.29
CA GLU A 35 -8.47 11.84 -2.02
C GLU A 35 -8.57 10.73 -0.96
N THR A 36 -8.46 9.47 -1.36
CA THR A 36 -8.61 8.39 -0.38
C THR A 36 -7.23 7.78 -0.17
N ALA A 37 -6.95 7.44 1.07
CA ALA A 37 -5.67 6.87 1.43
C ALA A 37 -5.72 5.35 1.25
N HIS A 38 -5.88 4.88 0.01
CA HIS A 38 -5.75 3.46 -0.34
C HIS A 38 -4.92 3.24 -1.58
N SER A 39 -4.22 2.10 -1.61
CA SER A 39 -3.39 1.75 -2.73
C SER A 39 -4.17 0.93 -3.77
N ARG A 40 -5.14 0.13 -3.33
CA ARG A 40 -5.86 -0.82 -4.16
C ARG A 40 -7.37 -0.55 -4.06
N PHE A 41 -8.05 -0.67 -5.20
CA PHE A 41 -9.47 -0.41 -5.29
C PHE A 41 -10.12 -1.52 -6.10
N PRO A 42 -11.07 -2.22 -5.50
CA PRO A 42 -11.96 -3.08 -6.26
C PRO A 42 -12.74 -2.27 -7.31
N VAL A 43 -12.86 -2.83 -8.49
CA VAL A 43 -13.48 -2.18 -9.61
C VAL A 43 -14.73 -2.89 -10.00
N TYR A 44 -15.78 -2.14 -10.31
CA TYR A 44 -16.99 -2.73 -10.82
C TYR A 44 -17.34 -2.10 -12.14
N GLU A 45 -18.28 -2.77 -12.82
CA GLU A 45 -18.92 -2.22 -13.99
C GLU A 45 -20.43 -2.41 -13.87
N ASP A 46 -21.17 -1.37 -14.27
CA ASP A 46 -22.65 -1.37 -14.24
C ASP A 46 -23.23 -1.39 -12.82
N ASP A 47 -22.92 -2.41 -12.06
CA ASP A 47 -23.56 -2.69 -10.80
C ASP A 47 -22.43 -2.82 -9.78
N ARG A 48 -22.59 -2.15 -8.64
CA ARG A 48 -21.61 -2.22 -7.54
C ARG A 48 -21.37 -3.63 -7.04
N ASP A 49 -22.36 -4.50 -7.24
CA ASP A 49 -22.25 -5.94 -6.93
C ASP A 49 -21.30 -6.66 -7.84
N ASN A 50 -21.12 -6.13 -9.06
CA ASN A 50 -20.35 -6.81 -10.11
C ASN A 50 -18.92 -6.33 -10.03
N ILE A 51 -18.21 -6.75 -8.96
CA ILE A 51 -16.80 -6.48 -8.85
C ILE A 51 -16.06 -7.38 -9.84
N ILE A 52 -15.26 -6.78 -10.72
CA ILE A 52 -14.65 -7.52 -11.83
C ILE A 52 -13.12 -7.54 -11.67
N GLY A 53 -12.60 -6.86 -10.66
CA GLY A 53 -11.18 -6.94 -10.40
C GLY A 53 -10.70 -5.87 -9.49
N ILE A 54 -9.37 -5.72 -9.46
CA ILE A 54 -8.78 -4.73 -8.60
CA ILE A 54 -8.70 -4.77 -8.59
C ILE A 54 -7.80 -3.82 -9.38
N LEU A 55 -7.86 -2.54 -9.07
CA LEU A 55 -6.97 -1.55 -9.65
C LEU A 55 -5.99 -1.05 -8.61
N LEU A 56 -4.71 -1.11 -8.95
CA LEU A 56 -3.65 -0.59 -8.13
C LEU A 56 -3.46 0.86 -8.54
N ALA A 57 -3.60 1.77 -7.60
CA ALA A 57 -3.53 3.17 -7.91
C ALA A 57 -2.29 3.51 -8.73
N LYS A 58 -1.15 2.95 -8.35
CA LYS A 58 0.08 3.34 -9.00
C LYS A 58 0.11 2.89 -10.47
N ASP A 59 -0.73 1.92 -10.85
CA ASP A 59 -0.78 1.51 -12.25
C ASP A 59 -1.39 2.58 -13.16
N LEU A 60 -2.19 3.48 -12.60
CA LEU A 60 -2.71 4.60 -13.36
C LEU A 60 -1.59 5.54 -13.83
N LEU A 61 -0.42 5.48 -13.19
CA LEU A 61 0.71 6.29 -13.64
C LEU A 61 1.05 6.00 -15.10
N ARG A 62 0.77 4.78 -15.56
CA ARG A 62 0.84 4.46 -17.00
C ARG A 62 0.08 5.41 -17.90
N TYR A 63 -1.01 6.01 -17.42
CA TYR A 63 -1.80 6.88 -18.27
CA TYR A 63 -1.82 6.89 -18.25
C TYR A 63 -0.98 8.04 -18.76
N LEU A 65 2.06 8.16 -19.54
CA LEU A 65 2.90 7.75 -20.66
C LEU A 65 2.03 7.32 -21.89
N GLU A 66 0.84 6.76 -21.64
CA GLU A 66 -0.09 6.31 -22.68
C GLU A 66 -1.52 6.77 -22.37
N PRO A 67 -1.84 8.04 -22.68
CA PRO A 67 -3.13 8.57 -22.21
C PRO A 67 -4.38 7.91 -22.83
N ALA A 68 -4.23 7.25 -23.98
CA ALA A 68 -5.35 6.59 -24.62
C ALA A 68 -5.45 5.09 -24.29
N LEU A 69 -4.74 4.63 -23.24
CA LEU A 69 -4.78 3.20 -22.86
C LEU A 69 -6.18 2.77 -22.42
N ASP A 70 -6.47 1.49 -22.62
CA ASP A 70 -7.69 0.97 -22.05
C ASP A 70 -7.39 0.85 -20.55
N ILE A 71 -8.14 1.60 -19.73
CA ILE A 71 -7.94 1.57 -18.29
C ILE A 71 -8.26 0.15 -17.85
N ARG A 72 -9.17 -0.49 -18.60
CA ARG A 72 -9.56 -1.87 -18.31
C ARG A 72 -8.37 -2.77 -18.36
N SER A 73 -7.42 -2.44 -19.23
CA SER A 73 -6.22 -3.25 -19.37
C SER A 73 -5.37 -3.20 -18.09
N LEU A 74 -5.60 -2.23 -17.21
CA LEU A 74 -4.81 -2.14 -15.98
C LEU A 74 -5.40 -2.97 -14.84
N VAL A 75 -6.66 -3.36 -14.98
CA VAL A 75 -7.37 -4.06 -13.93
C VAL A 75 -6.82 -5.49 -13.79
N ARG A 76 -6.62 -5.92 -12.56
CA ARG A 76 -6.13 -7.26 -12.25
C ARG A 76 -7.29 -8.10 -11.73
N PRO A 77 -7.26 -9.43 -11.93
CA PRO A 77 -8.39 -10.26 -11.50
C PRO A 77 -8.53 -10.23 -9.97
N ALA A 78 -9.77 -10.35 -9.48
CA ALA A 78 -10.02 -10.38 -8.04
C ALA A 78 -10.02 -11.83 -7.55
N VAL A 79 -9.76 -12.02 -6.25
CA VAL A 79 -10.09 -13.27 -5.55
C VAL A 79 -11.27 -13.06 -4.58
N PHE A 80 -12.25 -13.96 -4.64
CA PHE A 80 -13.44 -13.89 -3.82
C PHE A 80 -13.46 -15.07 -2.85
N ILE A 81 -13.44 -14.77 -1.55
CA ILE A 81 -13.37 -15.81 -0.53
C ILE A 81 -14.59 -15.75 0.38
N PRO A 82 -14.97 -16.90 0.98
CA PRO A 82 -16.14 -16.89 1.83
C PRO A 82 -15.84 -16.25 3.17
N GLU A 83 -16.85 -15.60 3.73
CA GLU A 83 -16.66 -14.92 4.99
C GLU A 83 -16.45 -15.93 6.11
N VAL A 84 -16.79 -17.22 5.89
CA VAL A 84 -16.59 -18.25 6.93
C VAL A 84 -15.17 -18.79 6.96
N LYS A 85 -14.33 -18.40 6.00
CA LYS A 85 -12.96 -18.82 6.03
C LYS A 85 -12.25 -18.42 7.36
N ARG A 86 -11.45 -19.36 7.88
CA ARG A 86 -10.72 -19.17 9.15
CA ARG A 86 -10.72 -19.16 9.15
C ARG A 86 -9.51 -18.28 8.94
N LEU A 87 -9.22 -17.41 9.90
CA LEU A 87 -8.07 -16.49 9.80
C LEU A 87 -6.72 -17.16 9.65
N ASN A 88 -6.48 -18.24 10.38
CA ASN A 88 -5.20 -18.91 10.27
C ASN A 88 -5.00 -19.51 8.86
N VAL A 89 -6.07 -20.05 8.30
CA VAL A 89 -6.00 -20.53 6.91
C VAL A 89 -5.68 -19.38 5.96
N LEU A 90 -6.39 -18.26 6.08
CA LEU A 90 -6.15 -17.11 5.19
C LEU A 90 -4.73 -16.59 5.28
N LEU A 91 -4.19 -16.51 6.49
CA LEU A 91 -2.83 -16.01 6.67
C LEU A 91 -1.81 -16.88 5.89
N ARG A 92 -1.92 -18.18 6.06
CA ARG A 92 -1.09 -19.13 5.28
C ARG A 92 -1.28 -18.87 3.77
N GLU A 93 -2.54 -18.76 3.36
CA GLU A 93 -2.83 -18.61 1.92
C GLU A 93 -2.26 -17.29 1.42
N PHE A 94 -2.45 -16.20 2.17
CA PHE A 94 -1.93 -14.91 1.73
C PHE A 94 -0.39 -14.93 1.64
N ARG A 95 0.23 -15.54 2.65
CA ARG A 95 1.70 -15.60 2.68
CA ARG A 95 1.71 -15.68 2.72
C ARG A 95 2.22 -16.43 1.51
N ALA A 96 1.46 -17.45 1.10
CA ALA A 96 1.83 -18.30 -0.05
C ALA A 96 1.54 -17.60 -1.38
N SER A 97 1.19 -16.31 -1.36
CA SER A 97 0.71 -15.61 -2.55
C SER A 97 1.24 -14.18 -2.63
N ARG A 98 1.24 -13.64 -3.85
CA ARG A 98 1.62 -12.24 -4.10
CA ARG A 98 1.62 -12.24 -4.06
C ARG A 98 0.42 -11.32 -3.85
N ASN A 99 -0.78 -11.83 -4.09
CA ASN A 99 -1.99 -11.04 -3.89
C ASN A 99 -2.40 -11.08 -2.43
N HIS A 100 -2.46 -9.91 -1.81
CA HIS A 100 -2.76 -9.77 -0.38
C HIS A 100 -4.09 -9.06 -0.10
N LEU A 101 -4.97 -8.97 -1.10
CA LEU A 101 -6.33 -8.41 -0.91
C LEU A 101 -7.34 -9.38 -1.49
N ALA A 102 -8.39 -9.66 -0.73
CA ALA A 102 -9.47 -10.51 -1.19
C ALA A 102 -10.78 -9.80 -0.97
N ILE A 103 -11.71 -10.05 -1.86
CA ILE A 103 -13.09 -9.63 -1.75
C ILE A 103 -13.79 -10.77 -1.01
N VAL A 104 -14.65 -10.42 -0.06
CA VAL A 104 -15.30 -11.41 0.79
C VAL A 104 -16.73 -11.52 0.32
N ILE A 105 -17.18 -12.76 0.16
CA ILE A 105 -18.52 -13.07 -0.30
C ILE A 105 -19.34 -13.84 0.74
N ASP A 106 -20.63 -13.44 0.88
CA ASP A 106 -21.51 -14.00 1.94
C ASP A 106 -22.08 -15.34 1.52
N GLU A 107 -22.89 -15.91 2.44
CA GLU A 107 -23.63 -17.17 2.22
C GLU A 107 -25.01 -16.92 1.62
N GLY A 109 -20.85 -15.64 -4.48
CA GLY A 109 -21.96 -15.13 -3.66
C GLY A 109 -22.09 -13.62 -3.77
N GLY A 110 -22.91 -13.02 -2.92
CA GLY A 110 -22.96 -11.56 -2.80
C GLY A 110 -21.73 -11.01 -2.07
N ILE A 111 -21.32 -9.81 -2.42
CA ILE A 111 -20.15 -9.15 -1.79
C ILE A 111 -20.52 -8.75 -0.36
N SER A 112 -19.74 -9.15 0.62
CA SER A 112 -20.01 -8.67 1.98
C SER A 112 -18.91 -7.78 2.54
N GLY A 113 -17.77 -7.70 1.85
CA GLY A 113 -16.66 -6.85 2.26
C GLY A 113 -15.34 -7.18 1.62
N LEU A 114 -14.26 -6.71 2.25
CA LEU A 114 -12.92 -7.01 1.79
C LEU A 114 -11.96 -7.21 2.91
N VAL A 115 -10.87 -7.89 2.65
CA VAL A 115 -9.91 -8.20 3.69
C VAL A 115 -8.50 -8.21 3.10
N THR A 116 -7.55 -7.68 3.84
CA THR A 116 -6.14 -7.70 3.44
C THR A 116 -5.29 -8.48 4.42
N GLU A 118 -2.71 -7.34 6.03
CA GLU A 118 -2.58 -6.42 7.15
C GLU A 118 -3.70 -6.60 8.19
N ASP A 119 -4.95 -6.71 7.74
CA ASP A 119 -6.09 -6.92 8.63
C ASP A 119 -5.94 -8.19 9.42
N VAL A 120 -5.55 -9.25 8.74
CA VAL A 120 -5.33 -10.56 9.35
C VAL A 120 -4.24 -10.51 10.44
N LEU A 121 -3.09 -9.93 10.11
CA LEU A 121 -2.00 -9.75 11.05
C LEU A 121 -2.37 -8.88 12.29
N GLU A 122 -3.06 -7.78 12.04
CA GLU A 122 -3.52 -6.90 13.11
C GLU A 122 -4.38 -7.65 14.09
N GLN A 123 -5.34 -8.46 13.57
CA GLN A 123 -6.17 -9.29 14.45
C GLN A 123 -5.35 -10.26 15.23
N ILE A 124 -4.41 -10.93 14.59
CA ILE A 124 -3.60 -11.92 15.33
C ILE A 124 -2.75 -11.26 16.41
N VAL A 125 -2.20 -10.09 16.12
CA VAL A 125 -1.45 -9.35 17.14
C VAL A 125 -2.34 -8.90 18.30
N GLY A 126 -3.56 -8.45 18.01
CA GLY A 126 -4.49 -8.08 19.08
C GLY A 126 -4.95 -9.27 19.94
N ASP A 127 -4.88 -10.49 19.42
CA ASP A 127 -5.27 -11.70 20.18
C ASP A 127 -4.11 -12.31 20.99
N ILE A 128 -2.97 -11.62 21.09
CA ILE A 128 -1.83 -12.09 21.90
C ILE A 128 -2.15 -11.98 23.40
N GLU B 4 13.10 -7.52 23.96
CA GLU B 4 12.15 -7.70 22.83
C GLU B 4 12.89 -7.27 21.54
N ARG B 5 12.41 -7.65 20.36
CA ARG B 5 13.13 -7.39 19.10
C ARG B 5 13.25 -5.90 18.79
N THR B 6 14.19 -5.55 17.90
CA THR B 6 14.29 -4.18 17.44
C THR B 6 14.16 -4.02 15.91
N VAL B 7 13.99 -2.78 15.52
CA VAL B 7 13.91 -2.42 14.11
C VAL B 7 15.06 -3.02 13.27
N ALA B 8 16.27 -3.01 13.80
CA ALA B 8 17.43 -3.55 13.08
C ALA B 8 17.23 -4.98 12.60
N ASP B 9 16.51 -5.81 13.36
CA ASP B 9 16.23 -7.21 12.99
C ASP B 9 15.31 -7.34 11.76
N ILE B 10 14.48 -6.34 11.47
CA ILE B 10 13.49 -6.52 10.41
C ILE B 10 13.59 -5.51 9.24
N VAL B 12 14.42 -3.33 5.94
CA VAL B 12 15.02 -3.43 4.61
C VAL B 12 16.38 -2.69 4.64
N PRO B 13 17.49 -3.39 4.37
CA PRO B 13 18.78 -2.71 4.43
C PRO B 13 18.92 -1.65 3.36
N ARG B 14 19.72 -0.66 3.70
CA ARG B 14 20.00 0.49 2.83
C ARG B 14 20.25 0.05 1.35
N SER B 15 21.07 -0.98 1.16
CA SER B 15 21.45 -1.41 -0.21
C SER B 15 20.28 -1.90 -1.03
N ARG B 16 19.21 -2.31 -0.34
CA ARG B 16 18.01 -2.84 -0.98
C ARG B 16 16.89 -1.82 -1.16
N ASP B 18 14.55 0.93 -2.70
CA ASP B 18 14.20 1.55 -3.96
C ASP B 18 13.98 3.02 -3.66
N LEU B 19 14.86 3.84 -4.22
CA LEU B 19 14.88 5.29 -3.98
C LEU B 19 14.61 6.02 -5.22
N LEU B 20 14.20 7.28 -5.12
CA LEU B 20 14.03 8.14 -6.27
C LEU B 20 14.93 9.37 -6.16
N ASP B 21 15.58 9.73 -7.26
CA ASP B 21 16.42 10.92 -7.34
C ASP B 21 15.53 12.06 -7.86
N ILE B 22 15.38 13.09 -7.04
CA ILE B 22 14.47 14.18 -7.34
C ILE B 22 14.89 14.92 -8.64
N SER B 23 16.15 14.81 -9.07
CA SER B 23 16.64 15.53 -10.25
C SER B 23 16.27 14.84 -11.57
N GLN B 24 15.78 13.61 -11.51
CA GLN B 24 15.41 12.88 -12.71
C GLN B 24 14.18 13.50 -13.38
N PRO B 25 14.15 13.57 -14.73
CA PRO B 25 12.91 14.03 -15.36
C PRO B 25 11.68 13.14 -15.07
N LEU B 26 10.51 13.76 -15.02
CA LEU B 26 9.28 13.02 -14.79
C LEU B 26 9.12 11.69 -15.54
N PRO B 27 9.35 11.66 -16.87
CA PRO B 27 9.21 10.40 -17.58
C PRO B 27 10.10 9.26 -17.05
N GLN B 28 11.30 9.64 -16.61
CA GLN B 28 12.20 8.69 -15.99
C GLN B 28 11.73 8.26 -14.62
N LEU B 29 11.27 9.20 -13.79
CA LEU B 29 10.74 8.85 -12.45
C LEU B 29 9.58 7.88 -12.60
N LEU B 30 8.67 8.14 -13.54
CA LEU B 30 7.50 7.29 -13.76
C LEU B 30 7.91 5.89 -14.12
N ALA B 31 8.85 5.79 -15.07
CA ALA B 31 9.36 4.47 -15.46
C ALA B 31 9.96 3.71 -14.26
N THR B 32 10.73 4.37 -13.43
CA THR B 32 11.33 3.69 -12.28
C THR B 32 10.25 3.16 -11.34
N ILE B 33 9.27 4.01 -11.04
CA ILE B 33 8.18 3.68 -10.13
C ILE B 33 7.38 2.49 -10.65
N ILE B 34 6.98 2.57 -11.93
CA ILE B 34 6.16 1.50 -12.56
C ILE B 34 6.89 0.15 -12.53
N GLU B 35 8.21 0.17 -12.69
CA GLU B 35 8.97 -1.08 -12.62
C GLU B 35 9.04 -1.71 -11.23
N THR B 36 8.73 -0.97 -10.17
CA THR B 36 8.91 -1.52 -8.85
C THR B 36 7.53 -1.77 -8.36
N ALA B 37 7.35 -2.85 -7.63
CA ALA B 37 6.10 -3.03 -6.94
C ALA B 37 6.20 -2.47 -5.48
N HIS B 38 6.38 -1.14 -5.35
CA HIS B 38 6.19 -0.43 -4.06
C HIS B 38 5.34 0.82 -4.28
N SER B 39 4.64 1.24 -3.25
CA SER B 39 3.79 2.43 -3.32
C SER B 39 4.51 3.69 -2.83
N ARG B 40 5.56 3.53 -2.05
CA ARG B 40 6.24 4.65 -1.39
C ARG B 40 7.76 4.58 -1.59
N PHE B 41 8.39 5.73 -1.81
CA PHE B 41 9.81 5.80 -2.14
C PHE B 41 10.46 6.90 -1.35
N PRO B 42 11.49 6.56 -0.58
CA PRO B 42 12.37 7.65 -0.16
C PRO B 42 12.98 8.39 -1.35
N VAL B 43 13.07 9.70 -1.22
CA VAL B 43 13.57 10.58 -2.25
C VAL B 43 14.85 11.24 -1.81
N TYR B 44 15.85 11.24 -2.71
CA TYR B 44 17.10 11.92 -2.40
C TYR B 44 17.44 12.99 -3.42
N GLU B 45 18.45 13.79 -3.07
CA GLU B 45 19.00 14.78 -3.97
C GLU B 45 20.49 14.82 -3.79
N ASP B 46 21.19 14.75 -4.92
CA ASP B 46 22.65 14.83 -5.01
C ASP B 46 23.45 13.65 -4.45
N ASP B 47 23.02 13.04 -3.35
CA ASP B 47 23.69 11.85 -2.78
C ASP B 47 22.56 10.99 -2.24
N ARG B 48 22.68 9.67 -2.38
CA ARG B 48 21.61 8.76 -1.97
C ARG B 48 21.29 8.77 -0.49
N ASP B 49 22.22 9.16 0.37
CA ASP B 49 21.88 9.32 1.77
C ASP B 49 21.31 10.71 2.11
N ASN B 50 21.28 11.63 1.14
CA ASN B 50 20.67 12.95 1.37
C ASN B 50 19.14 12.88 1.08
N ILE B 51 18.45 12.19 1.98
CA ILE B 51 17.04 11.93 1.86
C ILE B 51 16.27 13.21 2.17
N ILE B 52 15.41 13.62 1.25
CA ILE B 52 14.66 14.87 1.42
C ILE B 52 13.19 14.59 1.67
N GLY B 53 12.82 13.31 1.75
CA GLY B 53 11.49 12.90 2.08
C GLY B 53 11.02 11.62 1.43
N ILE B 54 9.72 11.40 1.45
CA ILE B 54 9.06 10.23 0.93
C ILE B 54 8.01 10.63 -0.10
N LEU B 55 8.02 9.95 -1.24
CA LEU B 55 7.01 10.19 -2.27
C LEU B 55 6.06 9.00 -2.30
N LEU B 56 4.77 9.29 -2.18
CA LEU B 56 3.73 8.31 -2.45
C LEU B 56 3.44 8.35 -3.96
N ALA B 57 3.66 7.23 -4.63
CA ALA B 57 3.56 7.13 -6.10
C ALA B 57 2.25 7.70 -6.65
N LYS B 58 1.15 7.42 -5.96
CA LYS B 58 -0.16 7.81 -6.45
C LYS B 58 -0.34 9.34 -6.49
N ASP B 59 0.43 10.06 -5.68
CA ASP B 59 0.42 11.52 -5.74
C ASP B 59 0.87 12.07 -7.08
N LEU B 60 1.64 11.31 -7.85
CA LEU B 60 2.05 11.81 -9.17
C LEU B 60 0.84 11.92 -10.12
N LEU B 61 -0.29 11.30 -9.78
CA LEU B 61 -1.51 11.47 -10.57
C LEU B 61 -2.01 12.91 -10.57
N ARG B 62 -1.57 13.70 -9.61
CA ARG B 62 -1.89 15.13 -9.58
C ARG B 62 -1.35 15.92 -10.77
N TYR B 63 -0.39 15.37 -11.51
CA TYR B 63 0.06 15.95 -12.79
C TYR B 63 -1.13 16.19 -13.69
N LEU B 65 -4.10 17.01 -12.57
CA LEU B 65 -5.04 17.91 -11.85
C LEU B 65 -4.48 19.30 -11.56
N GLU B 66 -3.19 19.49 -11.81
CA GLU B 66 -2.52 20.76 -11.57
C GLU B 66 -1.71 21.15 -12.80
N PRO B 67 -1.90 22.36 -13.34
CA PRO B 67 -1.15 22.72 -14.56
C PRO B 67 0.38 22.72 -14.41
N ALA B 68 0.88 23.21 -13.27
CA ALA B 68 2.33 23.31 -13.09
C ALA B 68 2.72 22.57 -11.83
N LEU B 69 2.63 21.25 -11.86
CA LEU B 69 2.91 20.48 -10.66
C LEU B 69 4.41 20.49 -10.35
N ASP B 70 4.76 20.90 -9.16
CA ASP B 70 6.13 20.75 -8.73
C ASP B 70 6.26 19.45 -7.89
N ILE B 71 6.97 18.47 -8.43
CA ILE B 71 7.07 17.13 -7.83
C ILE B 71 7.67 17.27 -6.42
N ARG B 72 8.58 18.22 -6.28
CA ARG B 72 9.18 18.50 -5.00
C ARG B 72 8.10 18.80 -3.93
N SER B 73 7.00 19.42 -4.32
CA SER B 73 5.95 19.71 -3.32
C SER B 73 5.15 18.47 -2.90
N LEU B 74 5.26 17.38 -3.66
CA LEU B 74 4.60 16.13 -3.27
C LEU B 74 5.39 15.32 -2.24
N VAL B 75 6.67 15.66 -2.04
CA VAL B 75 7.58 14.87 -1.21
C VAL B 75 7.29 15.23 0.25
N ARG B 76 6.87 14.27 1.06
CA ARG B 76 6.50 14.57 2.42
CA ARG B 76 6.46 14.48 2.45
C ARG B 76 7.69 14.28 3.34
N PRO B 77 7.76 15.00 4.49
CA PRO B 77 8.89 14.72 5.40
C PRO B 77 8.91 13.24 5.83
N ALA B 78 10.10 12.66 5.88
CA ALA B 78 10.30 11.31 6.32
C ALA B 78 10.27 11.26 7.86
N VAL B 79 9.86 10.14 8.39
CA VAL B 79 10.05 9.85 9.81
C VAL B 79 11.33 9.04 9.93
N PHE B 80 12.29 9.55 10.68
CA PHE B 80 13.54 8.86 10.93
C PHE B 80 13.50 8.19 12.31
N ILE B 81 13.70 6.88 12.36
CA ILE B 81 13.64 6.15 13.63
C ILE B 81 14.93 5.39 13.90
N PRO B 82 15.32 5.30 15.17
CA PRO B 82 16.53 4.54 15.46
C PRO B 82 16.40 3.04 15.27
N GLU B 83 17.52 2.44 14.95
CA GLU B 83 17.65 0.99 14.84
C GLU B 83 17.20 0.28 16.09
N VAL B 84 17.43 0.90 17.24
CA VAL B 84 17.15 0.26 18.50
C VAL B 84 15.66 0.30 18.89
N LYS B 85 14.81 0.93 18.08
CA LYS B 85 13.41 1.07 18.48
C LYS B 85 12.77 -0.32 18.55
N ARG B 86 12.04 -0.58 19.62
CA ARG B 86 11.39 -1.86 19.79
C ARG B 86 10.11 -1.95 18.94
N LEU B 87 9.81 -3.16 18.52
CA LEU B 87 8.71 -3.42 17.58
C LEU B 87 7.34 -3.12 18.18
N ASN B 88 7.12 -3.46 19.44
CA ASN B 88 5.78 -3.27 20.02
C ASN B 88 5.44 -1.76 20.07
N VAL B 89 6.43 -0.93 20.38
CA VAL B 89 6.22 0.52 20.46
C VAL B 89 6.02 1.09 19.06
N LEU B 90 6.83 0.64 18.11
CA LEU B 90 6.77 1.11 16.73
C LEU B 90 5.42 0.77 16.07
N LEU B 91 4.92 -0.43 16.40
CA LEU B 91 3.60 -0.81 15.92
C LEU B 91 2.50 0.21 16.35
N ARG B 92 2.50 0.58 17.61
CA ARG B 92 1.57 1.54 18.15
C ARG B 92 1.74 2.89 17.47
N GLU B 93 2.98 3.27 17.22
CA GLU B 93 3.30 4.53 16.54
C GLU B 93 2.75 4.57 15.11
N PHE B 94 3.07 3.54 14.37
CA PHE B 94 2.57 3.39 13.01
C PHE B 94 1.04 3.32 12.96
N ARG B 95 0.40 2.54 13.84
CA ARG B 95 -1.06 2.43 13.83
CA ARG B 95 -1.07 2.43 13.84
C ARG B 95 -1.74 3.79 14.03
N ALA B 96 -1.14 4.65 14.85
CA ALA B 96 -1.71 5.96 15.17
C ALA B 96 -1.34 7.06 14.12
N SER B 97 -0.41 6.74 13.24
CA SER B 97 0.20 7.73 12.37
C SER B 97 -0.40 7.69 10.98
N ARG B 98 -0.25 8.80 10.26
CA ARG B 98 -0.51 8.80 8.78
C ARG B 98 0.63 8.19 7.95
N ASN B 99 1.79 7.97 8.56
CA ASN B 99 2.98 7.45 7.91
C ASN B 99 3.24 5.96 8.32
N HIS B 100 3.16 5.04 7.37
CA HIS B 100 3.44 3.62 7.65
C HIS B 100 4.81 3.13 7.13
N LEU B 101 5.65 4.08 6.77
CA LEU B 101 7.02 3.81 6.31
C LEU B 101 7.93 4.77 7.05
N ALA B 102 9.02 4.23 7.61
CA ALA B 102 10.01 5.05 8.28
C ALA B 102 11.39 4.70 7.73
N ILE B 103 12.27 5.69 7.74
CA ILE B 103 13.64 5.50 7.43
C ILE B 103 14.36 5.20 8.73
N VAL B 104 15.24 4.20 8.70
CA VAL B 104 15.92 3.75 9.89
C VAL B 104 17.34 4.33 9.93
N ILE B 105 17.72 4.84 11.09
CA ILE B 105 19.08 5.37 11.29
C ILE B 105 19.83 4.66 12.41
N ASP B 106 21.14 4.49 12.27
CA ASP B 106 21.99 3.84 13.31
C ASP B 106 22.27 4.80 14.46
N GLU B 107 22.98 4.29 15.45
CA GLU B 107 23.26 4.99 16.70
C GLU B 107 23.98 6.32 16.48
N HIS B 108 24.64 6.48 15.34
CA HIS B 108 25.31 7.72 15.00
C HIS B 108 24.63 8.57 13.98
N GLY B 109 23.43 8.17 13.57
CA GLY B 109 22.66 9.02 12.67
C GLY B 109 22.83 8.65 11.21
N GLY B 110 23.62 7.65 10.89
CA GLY B 110 23.68 7.19 9.49
C GLY B 110 22.40 6.47 9.07
N ILE B 111 22.00 6.64 7.81
CA ILE B 111 20.91 5.91 7.19
C ILE B 111 21.25 4.40 7.13
N SER B 112 20.44 3.59 7.78
CA SER B 112 20.64 2.14 7.83
C SER B 112 19.69 1.32 6.96
N GLY B 113 18.51 1.86 6.69
CA GLY B 113 17.46 1.09 6.02
C GLY B 113 16.11 1.76 6.07
N LEU B 114 15.08 1.00 5.75
CA LEU B 114 13.71 1.45 5.88
C LEU B 114 12.87 0.30 6.45
N VAL B 115 11.73 0.65 7.00
CA VAL B 115 10.87 -0.30 7.67
C VAL B 115 9.45 0.18 7.50
N THR B 116 8.53 -0.77 7.37
CA THR B 116 7.08 -0.50 7.24
C THR B 116 6.27 -1.25 8.30
N GLU B 118 3.86 -3.25 7.87
CA GLU B 118 3.74 -4.65 7.47
C GLU B 118 4.89 -5.50 7.97
N ASP B 119 6.13 -5.01 7.83
CA ASP B 119 7.30 -5.71 8.35
C ASP B 119 7.18 -5.95 9.87
N VAL B 120 6.74 -4.93 10.59
CA VAL B 120 6.60 -5.05 12.04
C VAL B 120 5.55 -6.13 12.37
N LEU B 121 4.40 -6.09 11.71
CA LEU B 121 3.29 -7.01 11.99
C LEU B 121 3.71 -8.43 11.69
N GLU B 122 4.39 -8.63 10.57
CA GLU B 122 4.86 -9.96 10.20
C GLU B 122 5.83 -10.55 11.22
N GLN B 123 6.78 -9.75 11.70
CA GLN B 123 7.73 -10.27 12.65
C GLN B 123 7.08 -10.59 13.97
N ILE B 124 6.22 -9.68 14.46
CA ILE B 124 5.49 -9.89 15.69
C ILE B 124 4.66 -11.19 15.61
N VAL B 125 3.90 -11.38 14.54
CA VAL B 125 3.14 -12.64 14.36
C VAL B 125 4.06 -13.85 14.19
N GLY B 126 5.12 -13.72 13.42
CA GLY B 126 6.16 -14.77 13.34
C GLY B 126 6.77 -15.21 14.68
N ASP B 127 6.78 -14.32 15.68
CA ASP B 127 7.29 -14.66 17.02
C ASP B 127 6.22 -15.21 17.98
N ILE B 128 4.99 -15.41 17.50
CA ILE B 128 3.89 -15.93 18.33
C ILE B 128 3.35 -17.24 17.78
#